data_6QEF
#
_entry.id   6QEF
#
_cell.length_a   88.360
_cell.length_b   99.400
_cell.length_c   100.600
_cell.angle_alpha   90.00
_cell.angle_beta   90.00
_cell.angle_gamma   90.00
#
_symmetry.space_group_name_H-M   'C 2 2 21'
#
loop_
_entity.id
_entity.type
_entity.pdbx_description
1 polymer 'Methionine aminopeptidase 2'
2 non-polymer 1,2-ETHANEDIOL
3 non-polymer GLYCEROL
4 non-polymer (3~{S})-~{N}-[(3-chloranyl-5-fluoranyl-phenyl)methyl]-3-oxidanyl-2-oxidanylidene-1-phenyl-pyrrolidine-3-carboxamide
5 non-polymer 'MANGANESE (II) ION'
6 water water
#
_entity_poly.entity_id   1
_entity_poly.type   'polypeptide(L)'
_entity_poly.pdbx_seq_one_letter_code
;MGPKVQTDPPSVPICDLYPNGVFPKGQECEYPPTQDGRTAAWRTTSEEKKALDQASEEIWNDFREAAEAHRQVRKYVMSW
IKPGMTMIEICEKLEDCSRKLIKENGLNAGLAFPTGCSLNNCAAHYTPNAGDTTVLQYDDICKIDFGTHISGRIIDCAFT
VTFNPKYDTLLKAVKDATNTGIKCAGIDVRLCDVGEAIQEVMESYEVEIDGKTYQVKPIRNLNGHSIGQYRIHAGKTVPI
VKGGEATRMEEGEVYAIETFGSTGKGVVHDDMECSHYMKNFDVGHVPIRLPRTKHLLNVINENFGTLAFCRRWLDRLGES
KYLMALKNLCDLGIVDPYPPLCDIKGSYTAQFEHTILLRPTCKEVVSRGDDYHHHHHH
;
_entity_poly.pdbx_strand_id   A
#
# COMPACT_ATOMS: atom_id res chain seq x y z
N VAL A 5 19.90 15.57 -12.61
CA VAL A 5 18.54 15.98 -12.25
C VAL A 5 17.48 15.10 -12.95
N GLN A 6 16.29 14.99 -12.38
CA GLN A 6 15.21 14.18 -12.95
C GLN A 6 14.63 14.80 -14.22
N THR A 7 14.33 13.95 -15.23
CA THR A 7 13.73 14.35 -16.50
C THR A 7 12.20 14.47 -16.36
N ASP A 8 11.53 14.98 -17.40
CA ASP A 8 10.08 15.08 -17.47
C ASP A 8 9.67 14.53 -18.85
N PRO A 9 9.09 13.30 -18.97
CA PRO A 9 8.71 12.35 -17.89
C PRO A 9 9.89 11.77 -17.11
N PRO A 10 9.71 11.41 -15.80
CA PRO A 10 10.84 10.86 -15.02
C PRO A 10 11.39 9.55 -15.54
N SER A 11 12.71 9.47 -15.72
CA SER A 11 13.34 8.24 -16.22
C SER A 11 14.66 7.91 -15.50
N VAL A 12 15.18 8.86 -14.71
CA VAL A 12 16.44 8.66 -14.00
C VAL A 12 16.21 7.87 -12.69
N PRO A 13 16.89 6.73 -12.49
CA PRO A 13 16.71 5.98 -11.22
C PRO A 13 17.07 6.87 -10.04
N ILE A 14 16.36 6.68 -8.90
CA ILE A 14 16.62 7.46 -7.68
C ILE A 14 18.09 7.36 -7.25
N CYS A 15 18.67 6.16 -7.40
N CYS A 15 18.70 6.16 -7.36
CA CYS A 15 20.07 5.86 -7.09
CA CYS A 15 20.10 5.94 -7.00
C CYS A 15 21.05 6.81 -7.79
C CYS A 15 21.07 6.86 -7.77
N ASP A 16 20.74 7.24 -9.03
CA ASP A 16 21.61 8.16 -9.83
C ASP A 16 21.40 9.64 -9.49
N LEU A 17 20.34 9.97 -8.73
CA LEU A 17 20.04 11.35 -8.31
C LEU A 17 20.70 11.66 -6.99
N TYR A 18 21.13 10.62 -6.26
CA TYR A 18 21.80 10.76 -4.98
C TYR A 18 23.12 9.97 -5.10
N PRO A 19 24.13 10.56 -5.77
CA PRO A 19 25.40 9.82 -6.00
C PRO A 19 26.10 9.23 -4.78
N ASN A 20 25.98 9.86 -3.62
CA ASN A 20 26.62 9.33 -2.41
C ASN A 20 25.88 8.16 -1.76
N GLY A 21 24.67 7.88 -2.25
CA GLY A 21 23.87 6.77 -1.74
C GLY A 21 23.11 7.03 -0.46
N VAL A 22 22.94 8.30 -0.10
CA VAL A 22 22.21 8.74 1.09
C VAL A 22 20.89 9.30 0.59
N PHE A 23 19.78 8.58 0.87
CA PHE A 23 18.47 9.00 0.39
C PHE A 23 17.70 9.89 1.41
N PRO A 24 16.82 10.79 0.91
CA PRO A 24 16.15 11.75 1.81
C PRO A 24 15.21 11.13 2.82
N LYS A 25 15.28 11.65 4.04
CA LYS A 25 14.39 11.23 5.11
C LYS A 25 13.00 11.73 4.82
N GLY A 26 12.00 11.00 5.29
CA GLY A 26 10.62 11.43 5.22
C GLY A 26 10.35 12.36 6.39
N GLN A 27 9.07 12.68 6.67
CA GLN A 27 8.76 13.57 7.79
C GLN A 27 9.11 12.91 9.16
N GLU A 28 9.94 13.55 10.00
CA GLU A 28 10.25 13.03 11.33
C GLU A 28 9.38 13.69 12.40
N CYS A 29 8.78 12.84 13.25
CA CYS A 29 7.84 13.24 14.29
C CYS A 29 8.26 12.73 15.62
N GLU A 30 7.99 13.54 16.65
CA GLU A 30 8.17 13.09 18.01
C GLU A 30 6.97 12.16 18.27
N TYR A 31 7.16 11.12 19.08
CA TYR A 31 6.07 10.22 19.38
C TYR A 31 4.99 10.91 20.22
N PRO A 32 3.72 10.45 20.19
CA PRO A 32 2.68 11.09 21.00
C PRO A 32 2.95 10.91 22.50
N PRO A 33 2.51 11.86 23.36
CA PRO A 33 2.72 11.66 24.80
C PRO A 33 1.78 10.57 25.32
N THR A 34 2.04 10.08 26.56
CA THR A 34 1.22 9.06 27.21
C THR A 34 -0.05 9.73 27.77
N GLN A 35 -0.99 8.93 28.26
CA GLN A 35 -2.22 9.47 28.83
C GLN A 35 -1.90 10.34 30.04
N ASP A 36 -0.96 9.88 30.86
CA ASP A 36 -0.49 10.60 32.04
C ASP A 36 0.16 11.95 31.62
N GLY A 37 0.67 12.01 30.38
CA GLY A 37 1.28 13.22 29.82
C GLY A 37 2.78 13.25 29.71
N ARG A 38 3.45 12.10 29.89
CA ARG A 38 4.92 12.01 29.78
C ARG A 38 5.29 12.05 28.31
N THR A 39 6.11 13.04 27.94
CA THR A 39 6.56 13.21 26.55
C THR A 39 7.58 12.13 26.17
N ALA A 40 7.79 11.94 24.86
CA ALA A 40 8.73 10.97 24.34
C ALA A 40 9.96 11.65 23.70
N ALA A 41 10.16 12.96 24.01
CA ALA A 41 11.26 13.79 23.49
C ALA A 41 12.63 13.20 23.83
N TRP A 42 12.73 12.56 25.02
CA TRP A 42 13.93 11.88 25.52
C TRP A 42 14.55 10.92 24.48
N ARG A 43 13.75 10.38 23.55
CA ARG A 43 14.23 9.44 22.52
C ARG A 43 15.22 10.06 21.53
N THR A 44 14.96 11.31 21.07
CA THR A 44 15.77 12.04 20.07
C THR A 44 17.25 12.20 20.47
N THR A 45 17.54 12.35 21.78
CA THR A 45 18.90 12.57 22.26
C THR A 45 19.46 11.43 23.11
N SER A 46 18.69 10.33 23.28
CA SER A 46 19.10 9.16 24.06
C SER A 46 20.25 8.43 23.38
N GLU A 47 21.26 8.05 24.18
CA GLU A 47 22.48 7.36 23.76
C GLU A 47 22.13 5.95 23.29
N GLU A 48 21.34 5.21 24.11
CA GLU A 48 20.87 3.85 23.80
C GLU A 48 20.00 3.86 22.56
N LYS A 49 19.08 4.84 22.44
CA LYS A 49 18.16 4.92 21.29
C LYS A 49 18.85 5.28 19.98
N LYS A 50 19.84 6.22 20.00
CA LYS A 50 20.60 6.60 18.81
C LYS A 50 21.42 5.39 18.30
N ALA A 51 22.00 4.60 19.24
CA ALA A 51 22.78 3.39 18.94
C ALA A 51 21.90 2.34 18.25
N LEU A 52 20.70 2.09 18.80
CA LEU A 52 19.74 1.14 18.23
C LEU A 52 19.23 1.65 16.89
N ASP A 53 19.10 2.98 16.74
CA ASP A 53 18.64 3.59 15.48
C ASP A 53 19.70 3.42 14.39
N GLN A 54 20.97 3.79 14.71
CA GLN A 54 22.15 3.69 13.85
C GLN A 54 22.40 2.27 13.37
N ALA A 55 22.11 1.26 14.22
CA ALA A 55 22.27 -0.16 13.90
C ALA A 55 21.41 -0.58 12.71
N SER A 56 20.24 0.07 12.52
CA SER A 56 19.30 -0.22 11.44
C SER A 56 19.33 0.82 10.30
N GLU A 57 20.38 1.68 10.27
CA GLU A 57 20.52 2.75 9.27
C GLU A 57 20.41 2.27 7.82
N GLU A 58 21.00 1.11 7.50
CA GLU A 58 20.91 0.61 6.12
C GLU A 58 19.48 0.27 5.74
N ILE A 59 18.68 -0.24 6.70
CA ILE A 59 17.25 -0.57 6.51
C ILE A 59 16.46 0.72 6.27
N TRP A 60 16.66 1.77 7.11
CA TRP A 60 15.91 3.01 6.91
C TRP A 60 16.27 3.67 5.57
N ASN A 61 17.56 3.59 5.19
CA ASN A 61 18.04 4.16 3.92
C ASN A 61 17.39 3.48 2.71
N ASP A 62 17.22 2.15 2.78
CA ASP A 62 16.51 1.39 1.72
C ASP A 62 15.05 1.82 1.65
N PHE A 63 14.39 1.99 2.81
CA PHE A 63 12.99 2.47 2.77
C PHE A 63 12.93 3.87 2.15
N ARG A 64 13.93 4.75 2.46
CA ARG A 64 13.95 6.12 1.95
C ARG A 64 14.15 6.15 0.43
N GLU A 65 15.02 5.27 -0.11
CA GLU A 65 15.20 5.21 -1.56
C GLU A 65 13.89 4.80 -2.26
N ALA A 66 13.23 3.76 -1.73
CA ALA A 66 11.93 3.30 -2.27
C ALA A 66 10.86 4.39 -2.12
N ALA A 67 10.92 5.19 -1.04
CA ALA A 67 9.92 6.27 -0.81
C ALA A 67 10.11 7.42 -1.81
N GLU A 68 11.35 7.73 -2.15
CA GLU A 68 11.63 8.80 -3.10
C GLU A 68 11.15 8.43 -4.50
N ALA A 69 11.36 7.15 -4.90
CA ALA A 69 10.87 6.63 -6.18
C ALA A 69 9.33 6.76 -6.14
N HIS A 70 8.70 6.37 -5.02
CA HIS A 70 7.22 6.40 -4.92
C HIS A 70 6.67 7.82 -5.05
N ARG A 71 7.32 8.82 -4.37
CA ARG A 71 6.86 10.21 -4.48
C ARG A 71 6.97 10.70 -5.91
N GLN A 72 8.10 10.44 -6.59
CA GLN A 72 8.28 10.94 -7.97
C GLN A 72 7.29 10.26 -8.96
N VAL A 73 6.95 8.99 -8.69
CA VAL A 73 5.99 8.29 -9.53
C VAL A 73 4.60 8.90 -9.30
N ARG A 74 4.23 9.11 -8.05
CA ARG A 74 2.87 9.60 -7.86
C ARG A 74 2.69 11.06 -8.31
N LYS A 75 3.74 11.88 -8.29
CA LYS A 75 3.62 13.26 -8.80
C LYS A 75 3.44 13.19 -10.34
N TYR A 76 4.15 12.25 -11.00
CA TYR A 76 4.03 12.01 -12.43
C TYR A 76 2.58 11.54 -12.73
N VAL A 77 2.09 10.53 -12.00
CA VAL A 77 0.70 10.01 -12.21
C VAL A 77 -0.32 11.16 -12.13
N MET A 78 -0.23 12.01 -11.10
CA MET A 78 -1.20 13.10 -10.93
C MET A 78 -1.23 14.07 -12.12
N SER A 79 -0.09 14.23 -12.78
CA SER A 79 0.07 15.11 -13.94
C SER A 79 -0.64 14.60 -15.21
N TRP A 80 -0.90 13.28 -15.34
CA TRP A 80 -1.53 12.80 -16.57
C TRP A 80 -2.79 11.93 -16.37
N ILE A 81 -3.03 11.37 -15.15
CA ILE A 81 -4.21 10.49 -15.01
C ILE A 81 -5.49 11.26 -15.38
N LYS A 82 -6.22 10.75 -16.37
CA LYS A 82 -7.41 11.46 -16.86
C LYS A 82 -8.47 10.47 -17.25
N PRO A 83 -9.77 10.87 -17.18
CA PRO A 83 -10.82 9.95 -17.65
C PRO A 83 -10.69 9.73 -19.15
N GLY A 84 -11.08 8.54 -19.61
CA GLY A 84 -10.97 8.16 -21.01
C GLY A 84 -9.84 7.18 -21.22
N MET A 85 -8.87 7.17 -20.29
CA MET A 85 -7.76 6.23 -20.39
C MET A 85 -8.24 4.84 -19.92
N THR A 86 -7.76 3.76 -20.55
CA THR A 86 -8.13 2.45 -20.03
C THR A 86 -7.37 2.22 -18.70
N MET A 87 -7.91 1.34 -17.84
CA MET A 87 -7.18 1.04 -16.60
C MET A 87 -5.84 0.36 -16.90
N ILE A 88 -5.79 -0.43 -17.99
CA ILE A 88 -4.52 -1.07 -18.40
C ILE A 88 -3.48 0.01 -18.75
N GLU A 89 -3.87 1.02 -19.54
CA GLU A 89 -2.95 2.12 -19.90
C GLU A 89 -2.40 2.79 -18.66
N ILE A 90 -3.27 3.11 -17.72
CA ILE A 90 -2.88 3.80 -16.48
C ILE A 90 -1.86 2.93 -15.72
N CYS A 91 -2.18 1.64 -15.53
CA CYS A 91 -1.26 0.76 -14.77
C CYS A 91 0.08 0.58 -15.44
N GLU A 92 0.07 0.37 -16.78
CA GLU A 92 1.32 0.17 -17.52
C GLU A 92 2.17 1.43 -17.54
N LYS A 93 1.55 2.63 -17.68
CA LYS A 93 2.32 3.89 -17.68
C LYS A 93 2.95 4.14 -16.28
N LEU A 94 2.18 3.91 -15.22
CA LEU A 94 2.66 4.04 -13.84
C LEU A 94 3.80 3.05 -13.59
N GLU A 95 3.57 1.75 -13.93
CA GLU A 95 4.58 0.71 -13.68
C GLU A 95 5.86 0.92 -14.45
N ASP A 96 5.77 1.42 -15.71
N ASP A 96 5.76 1.41 -15.69
CA ASP A 96 6.95 1.69 -16.53
CA ASP A 96 6.94 1.69 -16.51
C ASP A 96 7.83 2.74 -15.85
C ASP A 96 7.83 2.71 -15.81
N CYS A 97 7.21 3.76 -15.23
CA CYS A 97 7.93 4.82 -14.53
C CYS A 97 8.54 4.27 -13.22
N SER A 98 7.75 3.51 -12.48
CA SER A 98 8.18 2.91 -11.23
C SER A 98 9.38 1.98 -11.47
N ARG A 99 9.34 1.10 -12.51
CA ARG A 99 10.47 0.20 -12.84
C ARG A 99 11.74 0.98 -13.10
N LYS A 100 11.61 2.07 -13.87
CA LYS A 100 12.76 2.93 -14.16
C LYS A 100 13.34 3.60 -12.91
N LEU A 101 12.50 4.27 -12.09
CA LEU A 101 12.98 5.03 -10.92
C LEU A 101 13.52 4.16 -9.81
N ILE A 102 12.93 2.97 -9.64
CA ILE A 102 13.41 2.06 -8.59
C ILE A 102 14.66 1.29 -9.06
N LYS A 103 14.98 1.36 -10.38
CA LYS A 103 16.05 0.61 -11.06
C LYS A 103 15.84 -0.87 -10.79
N GLU A 104 14.72 -1.39 -11.28
CA GLU A 104 14.28 -2.76 -11.06
C GLU A 104 15.41 -3.75 -11.31
N ASN A 105 15.67 -4.63 -10.33
CA ASN A 105 16.78 -5.58 -10.42
C ASN A 105 16.40 -6.85 -9.67
N GLY A 106 15.61 -7.71 -10.31
CA GLY A 106 15.16 -8.95 -9.71
C GLY A 106 14.52 -8.71 -8.36
N LEU A 107 14.87 -9.54 -7.35
CA LEU A 107 14.34 -9.38 -5.99
C LEU A 107 15.10 -8.33 -5.13
N ASN A 108 16.18 -7.73 -5.67
CA ASN A 108 16.95 -6.71 -4.96
C ASN A 108 16.26 -5.34 -4.97
N ALA A 109 15.44 -5.08 -6.00
CA ALA A 109 14.75 -3.80 -6.12
C ALA A 109 13.66 -3.92 -7.17
N GLY A 110 12.53 -3.27 -6.92
CA GLY A 110 11.45 -3.39 -7.88
C GLY A 110 10.11 -2.97 -7.37
N LEU A 111 9.07 -3.49 -8.03
CA LEU A 111 7.67 -3.23 -7.66
C LEU A 111 7.29 -4.18 -6.53
N ALA A 112 6.78 -3.67 -5.39
CA ALA A 112 6.50 -4.50 -4.21
C ALA A 112 5.19 -5.28 -4.32
N PHE A 113 4.23 -4.76 -5.11
CA PHE A 113 2.94 -5.39 -5.32
C PHE A 113 2.27 -4.75 -6.51
N PRO A 114 1.22 -5.37 -7.11
CA PRO A 114 0.62 -4.78 -8.31
C PRO A 114 -0.01 -3.40 -8.07
N THR A 115 -0.18 -2.61 -9.14
CA THR A 115 -0.80 -1.30 -9.02
C THR A 115 -2.31 -1.47 -8.87
N GLY A 116 -2.83 -1.12 -7.70
CA GLY A 116 -4.26 -1.16 -7.48
C GLY A 116 -4.84 0.12 -8.04
N CYS A 117 -5.91 -0.01 -8.81
CA CYS A 117 -6.60 1.16 -9.36
C CYS A 117 -8.09 0.95 -9.17
N SER A 118 -8.46 0.46 -8.00
CA SER A 118 -9.84 0.12 -7.68
C SER A 118 -10.77 1.31 -7.83
N LEU A 119 -11.93 1.06 -8.42
CA LEU A 119 -12.89 2.09 -8.73
C LEU A 119 -14.22 2.01 -8.00
N ASN A 120 -14.74 3.17 -7.60
CA ASN A 120 -16.06 3.26 -7.02
C ASN A 120 -16.29 2.40 -5.79
N ASN A 121 -17.24 1.48 -5.87
CA ASN A 121 -17.50 0.58 -4.74
C ASN A 121 -16.33 -0.36 -4.41
N CYS A 122 -15.51 -0.72 -5.40
CA CYS A 122 -14.35 -1.55 -5.13
C CYS A 122 -13.34 -0.67 -4.40
N ALA A 123 -12.91 -1.11 -3.24
CA ALA A 123 -11.97 -0.36 -2.43
C ALA A 123 -10.51 -0.75 -2.60
N ALA A 124 -10.27 -2.03 -2.89
CA ALA A 124 -8.92 -2.52 -3.00
C ALA A 124 -8.76 -3.78 -3.82
N HIS A 125 -7.51 -4.06 -4.14
CA HIS A 125 -7.09 -5.26 -4.86
C HIS A 125 -7.61 -5.44 -6.28
N TYR A 126 -7.87 -4.34 -6.97
CA TYR A 126 -8.28 -4.45 -8.34
C TYR A 126 -7.21 -3.85 -9.24
N THR A 127 -6.75 -4.67 -10.16
CA THR A 127 -5.86 -4.26 -11.21
C THR A 127 -6.39 -5.01 -12.43
N PRO A 128 -6.35 -4.43 -13.64
CA PRO A 128 -6.89 -5.18 -14.79
C PRO A 128 -6.04 -6.39 -15.12
N ASN A 129 -6.71 -7.44 -15.63
CA ASN A 129 -6.07 -8.63 -16.20
C ASN A 129 -6.07 -8.34 -17.72
N ALA A 130 -5.38 -9.16 -18.51
CA ALA A 130 -5.36 -9.00 -19.97
C ALA A 130 -6.79 -8.99 -20.52
N GLY A 131 -7.05 -8.12 -21.49
CA GLY A 131 -8.36 -8.03 -22.14
C GLY A 131 -9.40 -7.20 -21.41
N ASP A 132 -9.04 -6.65 -20.24
CA ASP A 132 -9.97 -5.80 -19.49
C ASP A 132 -10.09 -4.45 -20.22
N THR A 133 -11.30 -4.14 -20.69
CA THR A 133 -11.59 -2.94 -21.45
C THR A 133 -12.06 -1.77 -20.59
N THR A 134 -12.03 -1.90 -19.25
CA THR A 134 -12.49 -0.85 -18.34
C THR A 134 -11.74 0.44 -18.58
N VAL A 135 -12.52 1.52 -18.71
CA VAL A 135 -12.05 2.88 -18.91
C VAL A 135 -12.39 3.70 -17.65
N LEU A 136 -11.47 4.58 -17.25
CA LEU A 136 -11.66 5.52 -16.12
C LEU A 136 -12.69 6.58 -16.56
N GLN A 137 -13.73 6.76 -15.75
CA GLN A 137 -14.81 7.70 -16.10
C GLN A 137 -14.66 8.98 -15.31
N TYR A 138 -15.24 10.07 -15.81
CA TYR A 138 -15.17 11.37 -15.13
C TYR A 138 -15.71 11.29 -13.70
N ASP A 139 -16.80 10.52 -13.49
CA ASP A 139 -17.42 10.39 -12.18
C ASP A 139 -16.86 9.27 -11.33
N ASP A 140 -15.75 8.66 -11.75
CA ASP A 140 -15.20 7.58 -10.95
C ASP A 140 -14.38 8.08 -9.77
N ILE A 141 -14.23 7.22 -8.76
CA ILE A 141 -13.36 7.45 -7.63
C ILE A 141 -12.35 6.30 -7.66
N CYS A 142 -11.13 6.63 -8.03
CA CYS A 142 -10.05 5.67 -8.30
C CYS A 142 -8.97 5.67 -7.22
N LYS A 143 -8.73 4.52 -6.59
CA LYS A 143 -7.70 4.42 -5.56
C LYS A 143 -6.43 3.88 -6.18
N ILE A 144 -5.41 4.75 -6.26
CA ILE A 144 -4.10 4.37 -6.81
C ILE A 144 -3.27 3.90 -5.65
N ASP A 145 -2.98 2.61 -5.61
CA ASP A 145 -2.23 2.05 -4.47
C ASP A 145 -1.13 1.21 -5.07
N PHE A 146 0.12 1.61 -4.87
CA PHE A 146 1.25 0.88 -5.47
C PHE A 146 2.38 0.86 -4.50
N GLY A 147 3.30 -0.07 -4.73
CA GLY A 147 4.41 -0.26 -3.82
C GLY A 147 5.73 -0.37 -4.53
N THR A 148 6.77 0.11 -3.87
CA THR A 148 8.15 0.00 -4.34
C THR A 148 8.96 -0.66 -3.26
N HIS A 149 10.10 -1.26 -3.57
CA HIS A 149 10.92 -1.79 -2.48
C HIS A 149 12.38 -1.80 -2.91
N ILE A 150 13.27 -1.73 -1.92
CA ILE A 150 14.72 -1.94 -2.08
C ILE A 150 15.01 -3.02 -1.05
N SER A 151 15.61 -4.16 -1.47
CA SER A 151 15.97 -5.25 -0.57
C SER A 151 14.80 -5.71 0.31
N GLY A 152 13.61 -5.66 -0.25
CA GLY A 152 12.40 -6.07 0.44
C GLY A 152 11.90 -5.14 1.51
N ARG A 153 12.41 -3.90 1.54
CA ARG A 153 11.97 -2.84 2.47
C ARG A 153 10.89 -2.12 1.67
N ILE A 154 9.62 -2.40 2.00
CA ILE A 154 8.48 -1.95 1.19
C ILE A 154 7.89 -0.60 1.57
N ILE A 155 7.56 0.21 0.56
CA ILE A 155 6.78 1.41 0.75
C ILE A 155 5.40 1.10 0.18
N ASP A 156 4.39 1.16 1.03
CA ASP A 156 2.99 0.90 0.68
C ASP A 156 2.31 2.27 0.92
N CYS A 157 1.92 2.93 -0.18
CA CYS A 157 1.41 4.29 -0.14
C CYS A 157 0.37 4.45 -1.23
N ALA A 158 -0.77 5.06 -0.87
CA ALA A 158 -1.92 5.14 -1.73
C ALA A 158 -2.68 6.45 -1.61
N PHE A 159 -3.34 6.84 -2.69
CA PHE A 159 -4.14 8.07 -2.71
C PHE A 159 -5.37 7.89 -3.61
N THR A 160 -6.36 8.80 -3.49
CA THR A 160 -7.56 8.69 -4.29
C THR A 160 -7.59 9.79 -5.33
N VAL A 161 -8.02 9.43 -6.53
CA VAL A 161 -8.13 10.30 -7.67
C VAL A 161 -9.58 10.50 -8.02
N THR A 162 -10.00 11.77 -8.23
CA THR A 162 -11.36 12.11 -8.66
C THR A 162 -11.25 13.25 -9.64
N PHE A 163 -12.32 13.48 -10.41
CA PHE A 163 -12.40 14.59 -11.37
C PHE A 163 -13.61 15.44 -11.07
N ASN A 164 -14.61 14.85 -10.40
CA ASN A 164 -15.84 15.54 -10.05
C ASN A 164 -15.72 16.08 -8.62
N PRO A 165 -15.84 17.42 -8.44
CA PRO A 165 -15.75 18.00 -7.08
C PRO A 165 -16.75 17.49 -6.04
N LYS A 166 -17.83 16.81 -6.48
CA LYS A 166 -18.86 16.30 -5.58
C LYS A 166 -18.31 15.32 -4.52
N TYR A 167 -17.18 14.67 -4.79
CA TYR A 167 -16.58 13.76 -3.81
C TYR A 167 -15.56 14.45 -2.89
N ASP A 168 -15.30 15.77 -3.06
CA ASP A 168 -14.24 16.44 -2.27
C ASP A 168 -14.33 16.23 -0.77
N THR A 169 -15.54 16.28 -0.18
CA THR A 169 -15.67 16.08 1.28
C THR A 169 -15.39 14.64 1.66
N LEU A 170 -15.79 13.69 0.81
CA LEU A 170 -15.49 12.27 1.08
C LEU A 170 -13.95 12.06 1.13
N LEU A 171 -13.24 12.66 0.17
CA LEU A 171 -11.76 12.57 0.15
C LEU A 171 -11.13 13.24 1.37
N LYS A 172 -11.66 14.42 1.74
CA LYS A 172 -11.12 15.13 2.89
C LYS A 172 -11.34 14.28 4.16
N ALA A 173 -12.50 13.61 4.29
CA ALA A 173 -12.82 12.79 5.49
C ALA A 173 -11.74 11.71 5.68
N VAL A 174 -11.43 11.02 4.58
CA VAL A 174 -10.50 9.91 4.60
C VAL A 174 -9.08 10.41 4.80
N LYS A 175 -8.74 11.53 4.17
CA LYS A 175 -7.40 12.08 4.35
C LYS A 175 -7.20 12.51 5.82
N ASP A 176 -8.21 13.16 6.40
CA ASP A 176 -8.14 13.58 7.79
C ASP A 176 -8.03 12.32 8.69
N ALA A 177 -8.82 11.29 8.40
CA ALA A 177 -8.78 10.04 9.19
C ALA A 177 -7.38 9.36 9.15
N THR A 178 -6.77 9.31 7.96
CA THR A 178 -5.41 8.77 7.76
C THR A 178 -4.38 9.62 8.50
N ASN A 179 -4.46 10.96 8.37
CA ASN A 179 -3.53 11.83 9.10
C ASN A 179 -3.72 11.62 10.61
N THR A 180 -4.98 11.37 11.07
CA THR A 180 -5.24 11.10 12.50
C THR A 180 -4.54 9.80 12.95
N GLY A 181 -4.68 8.75 12.15
CA GLY A 181 -4.03 7.46 12.39
C GLY A 181 -2.52 7.64 12.48
N ILE A 182 -1.94 8.41 11.54
CA ILE A 182 -0.50 8.67 11.52
C ILE A 182 -0.06 9.41 12.77
N LYS A 183 -0.86 10.44 13.20
CA LYS A 183 -0.55 11.21 14.39
C LYS A 183 -0.66 10.33 15.65
N CYS A 184 -1.68 9.46 15.70
CA CYS A 184 -1.95 8.62 16.88
C CYS A 184 -0.97 7.48 17.04
N ALA A 185 -0.42 6.98 15.92
CA ALA A 185 0.55 5.88 15.92
C ALA A 185 1.78 6.19 16.76
N GLY A 186 2.34 5.15 17.35
CA GLY A 186 3.54 5.26 18.16
C GLY A 186 3.82 4.00 18.95
N ILE A 187 5.05 3.88 19.44
CA ILE A 187 5.49 2.77 20.28
C ILE A 187 4.60 2.77 21.54
N ASP A 188 4.11 1.57 21.95
CA ASP A 188 3.24 1.35 23.11
C ASP A 188 1.79 1.88 22.94
N VAL A 189 1.41 2.33 21.72
CA VAL A 189 0.05 2.81 21.53
C VAL A 189 -0.85 1.58 21.26
N ARG A 190 -2.01 1.48 21.95
CA ARG A 190 -2.94 0.36 21.69
C ARG A 190 -3.53 0.53 20.27
N LEU A 191 -3.47 -0.52 19.45
CA LEU A 191 -3.97 -0.51 18.09
C LEU A 191 -5.45 -0.16 18.01
N CYS A 192 -6.25 -0.59 19.02
CA CYS A 192 -7.68 -0.29 19.12
C CYS A 192 -7.96 1.18 19.29
N ASP A 193 -7.06 1.91 19.99
CA ASP A 193 -7.19 3.37 20.20
C ASP A 193 -7.00 4.10 18.90
N VAL A 194 -6.06 3.63 18.05
CA VAL A 194 -5.80 4.21 16.72
C VAL A 194 -7.09 4.09 15.90
N GLY A 195 -7.70 2.90 15.92
CA GLY A 195 -8.96 2.65 15.22
C GLY A 195 -10.10 3.52 15.71
N GLU A 196 -10.25 3.65 17.03
CA GLU A 196 -11.30 4.49 17.59
C GLU A 196 -11.11 5.95 17.17
N ALA A 197 -9.85 6.45 17.18
CA ALA A 197 -9.54 7.84 16.84
C ALA A 197 -9.85 8.10 15.35
N ILE A 198 -9.51 7.15 14.48
CA ILE A 198 -9.74 7.21 13.04
C ILE A 198 -11.23 7.28 12.77
N GLN A 199 -12.03 6.35 13.36
CA GLN A 199 -13.49 6.30 13.18
C GLN A 199 -14.13 7.59 13.62
N GLU A 200 -13.74 8.08 14.81
CA GLU A 200 -14.29 9.32 15.39
C GLU A 200 -14.11 10.48 14.41
N VAL A 201 -12.93 10.58 13.78
CA VAL A 201 -12.66 11.61 12.79
C VAL A 201 -13.45 11.37 11.51
N MET A 202 -13.36 10.17 10.92
CA MET A 202 -14.05 9.90 9.68
C MET A 202 -15.55 10.08 9.76
N GLU A 203 -16.19 9.62 10.83
CA GLU A 203 -17.63 9.72 11.01
C GLU A 203 -18.16 11.11 11.40
N SER A 204 -17.26 12.08 11.62
CA SER A 204 -17.69 13.45 11.91
C SER A 204 -18.05 14.16 10.57
N TYR A 205 -17.74 13.52 9.45
CA TYR A 205 -18.01 14.02 8.11
C TYR A 205 -19.31 13.49 7.51
N GLU A 206 -20.08 14.40 6.91
CA GLU A 206 -21.29 14.07 6.16
C GLU A 206 -21.10 14.61 4.76
N VAL A 207 -21.53 13.84 3.77
CA VAL A 207 -21.37 14.18 2.35
C VAL A 207 -22.69 14.12 1.60
N GLU A 208 -22.82 14.93 0.56
CA GLU A 208 -24.01 14.96 -0.29
C GLU A 208 -23.53 14.68 -1.71
N ILE A 209 -24.00 13.56 -2.27
CA ILE A 209 -23.64 13.11 -3.60
C ILE A 209 -24.94 12.82 -4.33
N ASP A 210 -25.21 13.60 -5.39
CA ASP A 210 -26.41 13.52 -6.26
C ASP A 210 -27.70 13.55 -5.46
N GLY A 211 -27.76 14.51 -4.54
CA GLY A 211 -28.93 14.74 -3.68
C GLY A 211 -29.14 13.76 -2.55
N LYS A 212 -28.26 12.75 -2.40
CA LYS A 212 -28.37 11.81 -1.29
C LYS A 212 -27.30 12.13 -0.27
N THR A 213 -27.66 12.13 1.03
CA THR A 213 -26.69 12.42 2.08
C THR A 213 -26.20 11.16 2.72
N TYR A 214 -24.95 11.18 3.19
CA TYR A 214 -24.31 10.05 3.86
C TYR A 214 -23.37 10.51 4.94
N GLN A 215 -23.26 9.70 6.01
CA GLN A 215 -22.22 9.88 7.00
C GLN A 215 -21.10 8.97 6.48
N VAL A 216 -19.84 9.46 6.47
CA VAL A 216 -18.70 8.67 5.98
C VAL A 216 -18.45 7.56 6.96
N LYS A 217 -18.45 6.32 6.46
CA LYS A 217 -18.23 5.14 7.29
C LYS A 217 -16.84 4.56 6.99
N PRO A 218 -16.05 4.23 8.01
CA PRO A 218 -14.81 3.52 7.75
C PRO A 218 -15.18 2.09 7.34
N ILE A 219 -14.35 1.49 6.48
CA ILE A 219 -14.61 0.12 6.05
C ILE A 219 -14.08 -0.76 7.16
N ARG A 220 -14.98 -1.34 7.95
CA ARG A 220 -14.62 -2.06 9.16
C ARG A 220 -13.76 -3.30 8.95
N ASN A 221 -13.85 -3.96 7.77
CA ASN A 221 -13.06 -5.17 7.54
C ASN A 221 -11.83 -4.88 6.68
N LEU A 222 -11.43 -3.58 6.61
CA LEU A 222 -10.18 -3.14 6.00
C LEU A 222 -9.45 -2.46 7.12
N ASN A 223 -8.13 -2.39 7.00
CA ASN A 223 -7.28 -1.89 8.08
C ASN A 223 -5.84 -1.66 7.64
N GLY A 224 -5.08 -0.95 8.49
CA GLY A 224 -3.64 -0.75 8.37
C GLY A 224 -2.93 -2.02 8.84
N HIS A 225 -1.59 -2.06 8.79
CA HIS A 225 -0.92 -3.33 9.08
C HIS A 225 0.57 -3.15 9.21
N SER A 226 1.21 -4.05 9.95
CA SER A 226 2.65 -4.08 10.08
C SER A 226 3.22 -4.59 8.74
N ILE A 227 4.45 -4.18 8.44
CA ILE A 227 5.18 -4.56 7.22
C ILE A 227 6.45 -5.23 7.66
N GLY A 228 6.79 -6.34 7.00
CA GLY A 228 8.01 -7.12 7.24
C GLY A 228 8.82 -7.18 5.96
N GLN A 229 10.09 -7.66 6.04
CA GLN A 229 10.92 -7.76 4.82
C GLN A 229 10.31 -8.76 3.84
N TYR A 230 9.93 -8.29 2.63
CA TYR A 230 9.25 -9.02 1.55
C TYR A 230 7.87 -9.54 2.00
N ARG A 231 7.30 -8.91 3.06
CA ARG A 231 6.05 -9.33 3.68
C ARG A 231 5.16 -8.11 3.86
N ILE A 232 4.26 -7.86 2.90
CA ILE A 232 3.40 -6.70 2.95
C ILE A 232 2.51 -6.67 4.22
N HIS A 233 1.96 -7.84 4.64
CA HIS A 233 1.14 -7.95 5.86
C HIS A 233 1.94 -8.83 6.85
N ALA A 234 2.65 -8.19 7.80
CA ALA A 234 3.53 -8.90 8.72
C ALA A 234 2.85 -9.53 9.97
N GLY A 235 1.55 -9.33 10.18
CA GLY A 235 0.86 -9.96 11.31
C GLY A 235 0.05 -9.11 12.28
N LYS A 236 0.32 -7.81 12.34
CA LYS A 236 -0.42 -6.89 13.21
C LYS A 236 -1.39 -6.06 12.38
N THR A 237 -2.62 -5.82 12.88
CA THR A 237 -3.60 -5.04 12.14
C THR A 237 -3.88 -3.72 12.84
N VAL A 238 -4.07 -2.64 12.07
CA VAL A 238 -4.38 -1.32 12.60
C VAL A 238 -5.84 -1.06 12.23
N PRO A 239 -6.80 -1.26 13.16
CA PRO A 239 -8.21 -1.06 12.80
C PRO A 239 -8.56 0.37 12.44
N ILE A 240 -9.70 0.55 11.75
CA ILE A 240 -10.14 1.89 11.37
C ILE A 240 -11.54 2.16 11.95
N VAL A 241 -12.01 1.23 12.79
CA VAL A 241 -13.27 1.36 13.52
C VAL A 241 -12.94 1.00 14.97
N LYS A 242 -13.85 1.33 15.91
CA LYS A 242 -13.71 0.96 17.32
C LYS A 242 -13.96 -0.55 17.47
N GLY A 243 -13.62 -1.11 18.62
CA GLY A 243 -13.86 -2.52 18.91
C GLY A 243 -12.73 -3.48 18.58
N GLY A 244 -11.59 -2.95 18.11
CA GLY A 244 -10.43 -3.76 17.77
C GLY A 244 -9.66 -4.33 18.95
N GLU A 245 -8.43 -4.82 18.71
CA GLU A 245 -7.60 -5.40 19.78
C GLU A 245 -6.70 -4.35 20.45
N ALA A 246 -6.54 -4.45 21.78
CA ALA A 246 -5.69 -3.55 22.57
C ALA A 246 -4.16 -3.86 22.44
N THR A 247 -3.78 -4.83 21.55
CA THR A 247 -2.40 -5.17 21.17
C THR A 247 -1.69 -3.83 20.83
N ARG A 248 -0.44 -3.66 21.28
CA ARG A 248 0.32 -2.42 21.11
C ARG A 248 1.37 -2.46 20.01
N MET A 249 1.70 -1.27 19.45
CA MET A 249 2.75 -1.12 18.44
C MET A 249 4.08 -1.20 19.20
N GLU A 250 5.12 -1.73 18.55
CA GLU A 250 6.42 -1.93 19.20
C GLU A 250 7.57 -1.26 18.45
N GLU A 251 8.69 -0.99 19.18
CA GLU A 251 9.90 -0.34 18.65
C GLU A 251 10.52 -1.13 17.51
N GLY A 252 10.80 -0.41 16.43
CA GLY A 252 11.42 -0.97 15.24
C GLY A 252 10.46 -1.50 14.20
N GLU A 253 9.14 -1.50 14.49
CA GLU A 253 8.15 -2.00 13.55
C GLU A 253 7.87 -0.96 12.50
N VAL A 254 7.37 -1.40 11.35
CA VAL A 254 7.04 -0.56 10.20
C VAL A 254 5.57 -0.79 9.94
N TYR A 255 4.82 0.28 9.78
CA TYR A 255 3.39 0.10 9.53
C TYR A 255 2.98 0.86 8.31
N ALA A 256 1.95 0.35 7.66
CA ALA A 256 1.23 1.06 6.63
C ALA A 256 0.01 1.58 7.42
N ILE A 257 -0.16 2.90 7.45
CA ILE A 257 -1.32 3.49 8.13
C ILE A 257 -2.24 3.85 6.99
N GLU A 258 -3.37 3.12 6.86
CA GLU A 258 -4.32 3.39 5.79
C GLU A 258 -5.73 3.39 6.30
N THR A 259 -6.56 4.22 5.70
CA THR A 259 -7.96 4.23 6.07
C THR A 259 -8.74 4.23 4.80
N PHE A 260 -9.95 3.70 4.89
CA PHE A 260 -10.88 3.66 3.78
C PHE A 260 -12.18 4.20 4.29
N GLY A 261 -12.81 5.07 3.51
CA GLY A 261 -14.13 5.60 3.84
C GLY A 261 -15.11 5.15 2.79
N SER A 262 -16.39 4.96 3.17
CA SER A 262 -17.41 4.49 2.24
C SER A 262 -18.77 5.10 2.47
N THR A 263 -19.54 5.27 1.37
CA THR A 263 -20.93 5.73 1.40
C THR A 263 -21.87 4.51 1.43
N GLY A 264 -21.29 3.31 1.39
CA GLY A 264 -22.02 2.05 1.42
C GLY A 264 -22.25 1.50 2.80
N LYS A 265 -22.12 0.18 2.92
CA LYS A 265 -22.30 -0.56 4.17
C LYS A 265 -21.11 -0.42 5.11
N GLY A 266 -19.95 -0.02 4.61
CA GLY A 266 -18.74 0.06 5.41
C GLY A 266 -18.15 -1.32 5.66
N VAL A 267 -18.42 -2.26 4.73
CA VAL A 267 -17.93 -3.65 4.76
C VAL A 267 -17.62 -4.03 3.31
N VAL A 268 -16.51 -4.77 3.09
CA VAL A 268 -16.15 -5.25 1.76
C VAL A 268 -16.29 -6.76 1.67
N HIS A 269 -16.51 -7.25 0.46
CA HIS A 269 -16.62 -8.67 0.18
C HIS A 269 -15.87 -8.99 -1.12
N ASP A 270 -15.39 -10.22 -1.26
CA ASP A 270 -14.68 -10.58 -2.48
C ASP A 270 -15.64 -10.49 -3.65
N ASP A 271 -15.20 -9.85 -4.72
CA ASP A 271 -16.03 -9.74 -5.91
C ASP A 271 -15.15 -9.53 -7.15
N MET A 272 -15.74 -9.86 -8.30
CA MET A 272 -15.13 -9.75 -9.64
C MET A 272 -14.03 -10.77 -9.91
N GLU A 273 -13.38 -10.64 -11.06
CA GLU A 273 -12.30 -11.54 -11.41
C GLU A 273 -11.06 -11.23 -10.58
N CYS A 274 -10.36 -12.27 -10.14
CA CYS A 274 -9.15 -12.09 -9.34
C CYS A 274 -7.93 -11.74 -10.19
N SER A 275 -7.15 -10.77 -9.73
CA SER A 275 -5.92 -10.39 -10.42
C SER A 275 -4.66 -10.48 -9.55
N HIS A 276 -4.84 -10.37 -8.24
CA HIS A 276 -3.76 -10.39 -7.26
C HIS A 276 -3.56 -11.76 -6.62
N TYR A 277 -2.30 -12.15 -6.43
CA TYR A 277 -1.93 -13.42 -5.82
C TYR A 277 -0.63 -13.20 -5.07
N MET A 278 -0.36 -14.01 -4.06
CA MET A 278 0.89 -13.89 -3.32
C MET A 278 1.15 -15.21 -2.58
N LYS A 279 2.41 -15.65 -2.58
CA LYS A 279 2.82 -16.89 -1.90
C LYS A 279 2.59 -16.75 -0.43
N ASN A 280 2.17 -17.85 0.22
CA ASN A 280 1.96 -17.83 1.65
C ASN A 280 3.35 -17.88 2.27
N PHE A 281 3.71 -16.83 3.03
CA PHE A 281 5.01 -16.68 3.69
C PHE A 281 5.36 -17.84 4.63
N ASP A 282 4.35 -18.46 5.24
CA ASP A 282 4.51 -19.57 6.20
C ASP A 282 4.64 -20.95 5.59
N VAL A 283 4.57 -21.05 4.25
CA VAL A 283 4.69 -22.35 3.57
C VAL A 283 6.12 -22.52 3.10
N GLY A 284 6.76 -23.58 3.60
CA GLY A 284 8.14 -23.93 3.26
C GLY A 284 8.30 -24.52 1.88
N HIS A 285 9.31 -25.37 1.70
CA HIS A 285 9.55 -25.98 0.40
C HIS A 285 8.59 -27.10 0.10
N VAL A 286 7.99 -27.07 -1.11
CA VAL A 286 7.06 -28.09 -1.58
C VAL A 286 7.58 -28.65 -2.93
N PRO A 287 8.10 -29.90 -2.96
CA PRO A 287 8.52 -30.47 -4.25
C PRO A 287 7.28 -30.64 -5.14
N ILE A 288 7.36 -30.16 -6.39
CA ILE A 288 6.26 -30.31 -7.35
C ILE A 288 6.78 -31.01 -8.59
N ARG A 289 6.10 -32.10 -9.01
CA ARG A 289 6.43 -32.87 -10.20
C ARG A 289 5.55 -32.42 -11.38
N LEU A 290 4.25 -32.03 -11.13
CA LEU A 290 3.29 -31.57 -12.16
C LEU A 290 4.01 -30.45 -12.94
N PRO A 291 4.30 -30.66 -14.26
CA PRO A 291 5.23 -29.73 -14.96
C PRO A 291 4.85 -28.27 -15.10
N ARG A 292 3.60 -27.93 -15.50
CA ARG A 292 3.20 -26.52 -15.65
C ARG A 292 3.12 -25.86 -14.29
N THR A 293 2.65 -26.60 -13.27
CA THR A 293 2.55 -26.09 -11.91
C THR A 293 3.96 -25.85 -11.35
N LYS A 294 4.88 -26.80 -11.59
CA LYS A 294 6.28 -26.69 -11.13
C LYS A 294 6.89 -25.45 -11.76
N HIS A 295 6.75 -25.32 -13.10
CA HIS A 295 7.29 -24.18 -13.83
C HIS A 295 6.79 -22.86 -13.29
N LEU A 296 5.47 -22.73 -13.09
CA LEU A 296 4.94 -21.48 -12.56
C LEU A 296 5.47 -21.17 -11.17
N LEU A 297 5.57 -22.20 -10.29
CA LEU A 297 6.10 -21.91 -8.95
C LEU A 297 7.56 -21.41 -9.06
N ASN A 298 8.37 -21.98 -9.99
CA ASN A 298 9.76 -21.51 -10.20
C ASN A 298 9.79 -20.07 -10.70
N VAL A 299 8.93 -19.74 -11.66
CA VAL A 299 8.75 -18.34 -12.13
C VAL A 299 8.43 -17.38 -10.95
N ILE A 300 7.45 -17.75 -10.11
CA ILE A 300 7.05 -16.93 -8.95
C ILE A 300 8.24 -16.79 -7.99
N ASN A 301 8.88 -17.92 -7.67
CA ASN A 301 10.02 -17.90 -6.72
C ASN A 301 11.16 -17.01 -7.18
N GLU A 302 11.46 -17.04 -8.50
CA GLU A 302 12.55 -16.24 -9.06
C GLU A 302 12.19 -14.76 -9.15
N ASN A 303 10.96 -14.45 -9.55
CA ASN A 303 10.60 -13.08 -9.87
C ASN A 303 9.94 -12.31 -8.77
N PHE A 304 9.20 -12.99 -7.89
CA PHE A 304 8.44 -12.30 -6.83
C PHE A 304 8.77 -12.76 -5.43
N GLY A 305 9.17 -14.01 -5.25
CA GLY A 305 9.38 -14.55 -3.91
C GLY A 305 8.06 -14.47 -3.16
N THR A 306 8.03 -13.81 -1.99
CA THR A 306 6.79 -13.64 -1.21
C THR A 306 6.10 -12.31 -1.46
N LEU A 307 6.54 -11.56 -2.50
CA LEU A 307 5.85 -10.31 -2.83
C LEU A 307 4.63 -10.62 -3.65
N ALA A 308 3.61 -9.76 -3.57
CA ALA A 308 2.40 -10.00 -4.37
C ALA A 308 2.70 -9.72 -5.84
N PHE A 309 1.97 -10.43 -6.71
CA PHE A 309 2.08 -10.31 -8.16
C PHE A 309 0.69 -10.33 -8.77
N CYS A 310 0.60 -10.07 -10.09
CA CYS A 310 -0.69 -10.12 -10.75
C CYS A 310 -0.53 -10.89 -12.06
N ARG A 311 -1.65 -11.24 -12.66
CA ARG A 311 -1.65 -11.95 -13.94
C ARG A 311 -0.96 -11.18 -15.03
N ARG A 312 -1.15 -9.82 -15.11
CA ARG A 312 -0.46 -9.05 -16.17
C ARG A 312 1.06 -9.20 -16.08
N TRP A 313 1.60 -9.32 -14.86
CA TRP A 313 3.05 -9.48 -14.68
C TRP A 313 3.51 -10.82 -15.18
N LEU A 314 2.67 -11.86 -15.01
CA LEU A 314 3.00 -13.18 -15.56
C LEU A 314 2.99 -13.10 -17.09
N ASP A 315 1.98 -12.42 -17.68
CA ASP A 315 1.97 -12.20 -19.15
C ASP A 315 3.24 -11.49 -19.62
N ARG A 316 3.66 -10.43 -18.91
CA ARG A 316 4.86 -9.65 -19.28
C ARG A 316 6.14 -10.48 -19.26
N LEU A 317 6.21 -11.51 -18.37
CA LEU A 317 7.35 -12.43 -18.28
C LEU A 317 7.32 -13.48 -19.40
N GLY A 318 6.29 -13.43 -20.23
CA GLY A 318 6.11 -14.33 -21.37
C GLY A 318 5.39 -15.63 -21.08
N GLU A 319 4.75 -15.73 -19.90
CA GLU A 319 4.04 -16.94 -19.53
C GLU A 319 2.69 -16.97 -20.20
N SER A 320 2.21 -18.16 -20.56
CA SER A 320 0.86 -18.28 -21.11
C SER A 320 0.27 -19.63 -20.67
N LYS A 321 -1.07 -19.77 -20.73
CA LYS A 321 -1.80 -21.00 -20.35
C LYS A 321 -1.34 -21.44 -18.94
N TYR A 322 -1.30 -20.47 -18.01
CA TYR A 322 -0.83 -20.70 -16.65
C TYR A 322 -1.94 -20.68 -15.64
N LEU A 323 -3.17 -20.38 -16.07
CA LEU A 323 -4.27 -20.22 -15.10
C LEU A 323 -4.56 -21.49 -14.31
N MET A 324 -4.50 -22.67 -14.96
CA MET A 324 -4.74 -23.88 -14.16
C MET A 324 -3.58 -24.14 -13.20
N ALA A 325 -2.32 -23.86 -13.62
CA ALA A 325 -1.13 -24.04 -12.78
C ALA A 325 -1.26 -23.10 -11.59
N LEU A 326 -1.77 -21.88 -11.81
CA LEU A 326 -1.97 -20.90 -10.74
C LEU A 326 -3.05 -21.36 -9.76
N LYS A 327 -4.19 -21.90 -10.26
N LYS A 327 -4.17 -21.91 -10.28
CA LYS A 327 -5.25 -22.43 -9.39
CA LYS A 327 -5.27 -22.48 -9.49
C LYS A 327 -4.73 -23.62 -8.59
C LYS A 327 -4.73 -23.61 -8.61
N ASN A 328 -3.84 -24.46 -9.18
CA ASN A 328 -3.24 -25.61 -8.49
C ASN A 328 -2.41 -25.08 -7.31
N LEU A 329 -1.62 -24.04 -7.53
CA LEU A 329 -0.84 -23.45 -6.44
C LEU A 329 -1.69 -22.89 -5.33
N CYS A 330 -2.85 -22.32 -5.69
CA CYS A 330 -3.81 -21.81 -4.70
C CYS A 330 -4.45 -22.97 -3.92
N ASP A 331 -4.90 -24.03 -4.62
CA ASP A 331 -5.49 -25.23 -3.99
C ASP A 331 -4.53 -25.95 -3.07
N LEU A 332 -3.21 -25.92 -3.38
CA LEU A 332 -2.18 -26.53 -2.53
C LEU A 332 -1.81 -25.67 -1.33
N GLY A 333 -2.32 -24.42 -1.30
CA GLY A 333 -2.05 -23.48 -0.22
C GLY A 333 -0.68 -22.83 -0.29
N ILE A 334 0.03 -23.00 -1.40
CA ILE A 334 1.35 -22.38 -1.63
C ILE A 334 1.15 -20.92 -1.98
N VAL A 335 0.14 -20.64 -2.81
CA VAL A 335 -0.19 -19.28 -3.20
C VAL A 335 -1.60 -18.98 -2.66
N ASP A 336 -1.86 -17.73 -2.35
CA ASP A 336 -3.19 -17.32 -1.91
C ASP A 336 -3.74 -16.30 -2.92
N PRO A 337 -5.04 -16.37 -3.30
CA PRO A 337 -5.62 -15.33 -4.19
C PRO A 337 -6.09 -14.13 -3.36
N TYR A 338 -6.01 -12.92 -3.92
CA TYR A 338 -6.46 -11.70 -3.25
C TYR A 338 -7.44 -11.00 -4.18
N PRO A 339 -8.70 -11.46 -4.22
CA PRO A 339 -9.65 -10.86 -5.16
C PRO A 339 -10.07 -9.42 -4.82
N PRO A 340 -10.60 -8.65 -5.80
CA PRO A 340 -11.07 -7.30 -5.49
C PRO A 340 -12.00 -7.28 -4.29
N LEU A 341 -11.85 -6.26 -3.43
CA LEU A 341 -12.67 -6.11 -2.21
C LEU A 341 -13.63 -4.96 -2.44
N CYS A 342 -14.95 -5.28 -2.50
CA CYS A 342 -16.01 -4.33 -2.85
C CYS A 342 -17.03 -4.10 -1.76
N ASP A 343 -17.51 -2.85 -1.66
CA ASP A 343 -18.68 -2.53 -0.82
C ASP A 343 -19.89 -2.70 -1.79
N ILE A 344 -21.13 -2.40 -1.35
CA ILE A 344 -22.34 -2.61 -2.14
C ILE A 344 -22.33 -1.84 -3.47
N LYS A 345 -23.00 -2.37 -4.50
CA LYS A 345 -23.12 -1.67 -5.79
C LYS A 345 -23.71 -0.26 -5.53
N GLY A 346 -23.23 0.74 -6.27
CA GLY A 346 -23.70 2.12 -6.13
C GLY A 346 -23.02 2.96 -5.06
N SER A 347 -22.17 2.32 -4.20
CA SER A 347 -21.43 3.02 -3.13
C SER A 347 -20.08 3.58 -3.60
N TYR A 348 -19.55 4.58 -2.87
CA TYR A 348 -18.25 5.18 -3.23
C TYR A 348 -17.29 4.97 -2.10
N THR A 349 -16.04 4.58 -2.42
CA THR A 349 -15.02 4.34 -1.41
C THR A 349 -13.78 5.17 -1.74
N ALA A 350 -13.06 5.63 -0.71
CA ALA A 350 -11.83 6.42 -0.91
C ALA A 350 -10.78 5.89 0.05
N GLN A 351 -9.47 6.09 -0.25
CA GLN A 351 -8.38 5.58 0.58
C GLN A 351 -7.20 6.53 0.55
N PHE A 352 -6.52 6.67 1.68
CA PHE A 352 -5.23 7.38 1.75
C PHE A 352 -4.32 6.53 2.61
N GLU A 353 -3.02 6.45 2.28
CA GLU A 353 -2.15 5.53 3.01
C GLU A 353 -0.73 6.00 2.95
N HIS A 354 -0.04 5.88 4.08
CA HIS A 354 1.40 6.19 4.14
C HIS A 354 2.08 5.07 4.89
N THR A 355 3.41 4.94 4.73
CA THR A 355 4.25 3.99 5.46
C THR A 355 5.03 4.76 6.54
N ILE A 356 5.04 4.23 7.78
CA ILE A 356 5.74 4.86 8.88
C ILE A 356 6.77 3.90 9.47
N LEU A 357 7.90 4.47 9.91
CA LEU A 357 8.96 3.71 10.58
C LEU A 357 8.90 4.03 12.05
N LEU A 358 8.74 3.01 12.90
CA LEU A 358 8.75 3.28 14.34
C LEU A 358 10.18 3.15 14.83
N ARG A 359 11.01 4.14 14.48
CA ARG A 359 12.43 4.17 14.84
C ARG A 359 12.62 4.39 16.35
N PRO A 360 13.71 3.85 16.95
CA PRO A 360 13.91 4.08 18.39
C PRO A 360 13.95 5.55 18.82
N THR A 361 14.40 6.46 17.93
CA THR A 361 14.57 7.90 18.23
C THR A 361 13.37 8.75 17.87
N CYS A 362 12.56 8.34 16.87
CA CYS A 362 11.43 9.14 16.41
C CYS A 362 10.51 8.29 15.54
N LYS A 363 9.37 8.87 15.13
CA LYS A 363 8.42 8.26 14.22
C LYS A 363 8.63 8.96 12.86
N GLU A 364 9.07 8.21 11.86
CA GLU A 364 9.32 8.80 10.54
C GLU A 364 8.25 8.37 9.54
N VAL A 365 7.50 9.36 9.01
CA VAL A 365 6.48 9.09 7.98
C VAL A 365 7.30 9.10 6.67
N VAL A 366 7.98 7.98 6.45
CA VAL A 366 8.97 7.83 5.39
C VAL A 366 8.41 8.10 3.99
N SER A 367 7.13 7.75 3.72
CA SER A 367 6.56 8.00 2.40
C SER A 367 6.10 9.44 2.18
N ARG A 368 6.06 10.25 3.25
CA ARG A 368 5.69 11.66 3.14
C ARG A 368 6.98 12.49 3.00
N GLY A 369 7.12 13.23 1.90
CA GLY A 369 8.27 14.09 1.64
C GLY A 369 8.56 15.16 2.68
#